data_4DI9
#
_entry.id   4DI9
#
_cell.length_a   73.552
_cell.length_b   50.952
_cell.length_c   73.346
_cell.angle_alpha   90.00
_cell.angle_beta   91.86
_cell.angle_gamma   90.00
#
_symmetry.space_group_name_H-M   'C 1 2 1'
#
loop_
_entity.id
_entity.type
_entity.pdbx_description
1 polymer '2-pyrone-4,6-dicarbaxylate hydrolase'
2 non-polymer '(1E,3Z)-4-hydroxybuta-1,3-diene-1,2,4-tricarboxylic acid'
3 non-polymer 'ACETATE ION'
4 water water
#
_entity_poly.entity_id   1
_entity_poly.type   'polypeptide(L)'
_entity_poly.pdbx_seq_one_letter_code
;MSLTNDERILSWNETPSKPRYTPPPGAIDAHCHVFGPMAQFPFSPKAKYLPRDAGPDMLFALRDHLGFARNVIVQASCHG
TDNAATLDAIARAQGKARGIAVVDPAIDEAELAALHEGGMRGIRFNFLKRLVDDAPKDKFLEVAGRLPAGWHVVIYFEAD
ILEELRPFMDAIPVPIVIDHMGRPDVRQGPDGADMKAFRRLLDSREDIWFKATCPDRLDPAGPPWDDFARSVAPLVADYA
DRVIWGTAWPHPNMQDAIPDDGLVVDMIPRIAPTPELQHKMLVTNPMRLYWSEEMEGHHHHHH
;
_entity_poly.pdbx_strand_id   A
#
# COMPACT_ATOMS: atom_id res chain seq x y z
N LEU A 3 23.49 0.09 14.71
CA LEU A 3 23.45 1.16 13.76
C LEU A 3 22.49 2.27 13.95
N THR A 4 22.98 3.39 14.46
CA THR A 4 22.24 4.33 15.26
C THR A 4 21.18 5.02 14.40
N ASN A 5 20.08 5.35 15.05
CA ASN A 5 18.93 5.86 14.34
C ASN A 5 19.20 7.06 13.46
N ASP A 6 19.92 8.05 13.98
CA ASP A 6 20.12 9.25 13.19
C ASP A 6 21.13 9.07 12.03
N GLU A 7 21.77 7.88 11.96
CA GLU A 7 22.61 7.52 10.81
C GLU A 7 21.84 6.80 9.70
N ARG A 8 20.69 6.24 10.02
CA ARG A 8 19.87 5.52 9.04
C ARG A 8 19.02 6.50 8.23
N ILE A 9 18.33 6.00 7.19
CA ILE A 9 17.70 6.86 6.20
C ILE A 9 16.37 7.45 6.64
N LEU A 10 16.32 8.77 6.68
CA LEU A 10 15.06 9.50 6.90
C LEU A 10 14.38 9.74 5.56
N SER A 11 13.13 9.30 5.44
CA SER A 11 12.40 9.45 4.19
C SER A 11 11.04 10.13 4.35
N TRP A 12 10.79 10.67 5.54
CA TRP A 12 9.53 11.37 5.82
C TRP A 12 9.79 12.76 6.37
N ASN A 13 8.74 13.57 6.34
CA ASN A 13 8.75 14.91 6.86
C ASN A 13 8.43 14.84 8.35
N GLU A 14 9.34 15.35 9.19
CA GLU A 14 9.17 15.24 10.63
C GLU A 14 8.14 16.20 11.21
N THR A 15 7.78 17.21 10.43
CA THR A 15 6.76 18.19 10.82
CA THR A 15 6.77 18.20 10.82
C THR A 15 5.82 18.44 9.65
N PRO A 16 5.02 17.42 9.29
CA PRO A 16 4.17 17.57 8.12
C PRO A 16 3.11 18.64 8.31
N SER A 17 2.74 19.28 7.21
CA SER A 17 1.63 20.22 7.25
C SER A 17 0.32 19.54 7.62
N LYS A 18 -0.60 20.32 8.18
CA LYS A 18 -1.95 19.83 8.37
C LYS A 18 -2.63 19.80 7.00
N PRO A 19 -3.32 18.70 6.68
CA PRO A 19 -4.07 18.74 5.42
C PRO A 19 -5.16 19.82 5.48
N ARG A 20 -5.39 20.48 4.35
CA ARG A 20 -6.58 21.32 4.20
C ARG A 20 -7.86 20.47 4.15
N TYR A 21 -7.72 19.25 3.64
CA TYR A 21 -8.84 18.31 3.53
C TYR A 21 -9.01 17.52 4.82
N THR A 22 -10.27 17.38 5.26
CA THR A 22 -10.59 16.59 6.46
C THR A 22 -11.22 15.25 6.05
N PRO A 23 -10.50 14.13 6.28
CA PRO A 23 -11.09 12.84 5.94
C PRO A 23 -12.37 12.57 6.73
N PRO A 24 -13.29 11.79 6.15
CA PRO A 24 -14.54 11.50 6.83
C PRO A 24 -14.33 10.58 8.03
N PRO A 25 -15.33 10.50 8.92
CA PRO A 25 -15.27 9.50 9.98
C PRO A 25 -15.04 8.09 9.40
N GLY A 26 -14.20 7.30 10.05
CA GLY A 26 -13.97 5.93 9.60
C GLY A 26 -12.99 5.77 8.45
N ALA A 27 -12.34 6.86 8.05
CA ALA A 27 -11.42 6.81 6.90
C ALA A 27 -10.23 5.90 7.15
N ILE A 28 -9.89 5.14 6.13
CA ILE A 28 -8.82 4.15 6.21
C ILE A 28 -7.65 4.52 5.33
N ASP A 29 -6.48 4.63 5.96
CA ASP A 29 -5.20 4.76 5.24
C ASP A 29 -4.77 3.33 4.95
N ALA A 30 -5.03 2.87 3.71
CA ALA A 30 -4.86 1.46 3.37
C ALA A 30 -3.49 1.10 2.82
N HIS A 31 -2.52 2.01 2.96
CA HIS A 31 -1.14 1.65 2.55
C HIS A 31 -0.17 2.48 3.35
N CYS A 32 0.38 1.86 4.39
CA CYS A 32 1.40 2.50 5.20
C CYS A 32 2.29 1.41 5.78
N HIS A 33 3.36 1.80 6.47
CA HIS A 33 4.29 0.81 7.00
C HIS A 33 4.79 1.25 8.34
N VAL A 34 5.36 0.28 9.06
CA VAL A 34 6.27 0.57 10.17
C VAL A 34 7.67 0.05 9.81
N PHE A 35 8.68 0.75 10.33
CA PHE A 35 10.07 0.28 10.24
C PHE A 35 10.57 0.06 11.66
N GLY A 36 10.95 -1.17 11.98
CA GLY A 36 11.47 -1.49 13.31
C GLY A 36 10.44 -1.22 14.38
N PRO A 37 10.86 -0.61 15.50
CA PRO A 37 12.20 -0.09 15.78
C PRO A 37 13.29 -1.17 15.74
N MET A 38 14.43 -0.81 15.16
CA MET A 38 15.49 -1.77 14.85
C MET A 38 15.96 -2.59 16.05
N ALA A 39 16.05 -1.94 17.21
CA ALA A 39 16.53 -2.58 18.43
C ALA A 39 15.67 -3.79 18.82
N GLN A 40 14.36 -3.69 18.61
CA GLN A 40 13.43 -4.78 18.92
C GLN A 40 13.17 -5.68 17.71
N PHE A 41 13.04 -5.07 16.54
CA PHE A 41 12.71 -5.78 15.31
C PHE A 41 13.77 -5.49 14.25
N PRO A 42 14.78 -6.38 14.13
CA PRO A 42 15.83 -6.07 13.17
C PRO A 42 15.37 -6.16 11.72
N PHE A 43 16.10 -5.49 10.85
CA PHE A 43 15.81 -5.54 9.43
C PHE A 43 16.31 -6.87 8.84
N SER A 44 15.73 -7.26 7.72
CA SER A 44 16.08 -8.48 7.00
C SER A 44 17.46 -8.32 6.37
N PRO A 45 18.23 -9.43 6.33
CA PRO A 45 19.51 -9.40 5.62
C PRO A 45 19.32 -9.08 4.13
N LYS A 46 18.13 -9.33 3.62
CA LYS A 46 17.83 -9.08 2.20
C LYS A 46 17.36 -7.65 1.92
N ALA A 47 17.23 -6.83 2.98
CA ALA A 47 16.80 -5.44 2.84
C ALA A 47 17.76 -4.64 1.95
N LYS A 48 17.17 -3.82 1.08
CA LYS A 48 17.96 -3.02 0.14
C LYS A 48 18.09 -1.57 0.60
N TYR A 49 17.37 -1.25 1.69
CA TYR A 49 17.49 0.04 2.35
C TYR A 49 17.47 -0.17 3.85
N LEU A 50 18.15 0.72 4.57
CA LEU A 50 18.21 0.69 6.02
C LEU A 50 17.56 1.96 6.56
N PRO A 51 16.25 1.91 6.82
CA PRO A 51 15.52 3.12 7.19
C PRO A 51 15.69 3.45 8.66
N ARG A 52 15.48 4.72 8.99
CA ARG A 52 15.30 5.15 10.37
C ARG A 52 14.04 4.49 10.95
N ASP A 53 14.01 4.36 12.27
CA ASP A 53 12.88 3.78 12.99
C ASP A 53 11.61 4.58 12.71
N ALA A 54 10.52 3.87 12.46
CA ALA A 54 9.22 4.50 12.26
C ALA A 54 8.23 3.52 12.89
N GLY A 55 8.10 3.59 14.20
CA GLY A 55 7.32 2.61 14.94
C GLY A 55 5.85 2.94 15.08
N PRO A 56 5.12 2.07 15.80
CA PRO A 56 3.67 2.21 15.91
C PRO A 56 3.25 3.55 16.49
N ASP A 57 3.92 4.03 17.54
CA ASP A 57 3.50 5.31 18.10
C ASP A 57 3.65 6.46 17.11
N MET A 58 4.70 6.41 16.28
CA MET A 58 4.86 7.41 15.24
C MET A 58 3.77 7.28 14.18
N LEU A 59 3.46 6.04 13.78
CA LEU A 59 2.38 5.80 12.83
C LEU A 59 1.05 6.36 13.33
N PHE A 60 0.73 6.10 14.59
CA PHE A 60 -0.58 6.54 15.09
C PHE A 60 -0.62 8.05 15.26
N ALA A 61 0.51 8.66 15.61
CA ALA A 61 0.61 10.13 15.69
C ALA A 61 0.35 10.74 14.31
N LEU A 62 0.94 10.12 13.28
CA LEU A 62 0.75 10.57 11.90
C LEU A 62 -0.71 10.37 11.45
N ARG A 63 -1.26 9.20 11.72
CA ARG A 63 -2.68 8.89 11.48
C ARG A 63 -3.58 9.96 12.08
N ASP A 64 -3.33 10.29 13.34
CA ASP A 64 -4.17 11.26 14.06
C ASP A 64 -3.99 12.66 13.48
N HIS A 65 -2.74 13.01 13.16
CA HIS A 65 -2.44 14.31 12.59
C HIS A 65 -3.18 14.51 11.27
N LEU A 66 -3.24 13.47 10.45
CA LEU A 66 -3.91 13.57 9.16
C LEU A 66 -5.43 13.37 9.20
N GLY A 67 -5.94 12.83 10.32
CA GLY A 67 -7.38 12.65 10.49
C GLY A 67 -7.96 11.32 10.03
N PHE A 68 -7.11 10.29 9.94
CA PHE A 68 -7.58 8.96 9.61
C PHE A 68 -7.99 8.16 10.84
N ALA A 69 -8.91 7.22 10.61
CA ALA A 69 -9.44 6.39 11.70
C ALA A 69 -8.73 5.05 11.82
N ARG A 70 -8.34 4.47 10.69
CA ARG A 70 -7.80 3.12 10.67
C ARG A 70 -6.66 3.05 9.65
N ASN A 71 -5.85 1.99 9.76
CA ASN A 71 -4.73 1.78 8.86
C ASN A 71 -4.68 0.34 8.42
N VAL A 72 -4.21 0.13 7.19
CA VAL A 72 -3.72 -1.17 6.77
C VAL A 72 -2.20 -1.06 6.73
N ILE A 73 -1.57 -1.82 7.62
CA ILE A 73 -0.13 -1.75 7.80
C ILE A 73 0.51 -2.87 6.97
N VAL A 74 1.25 -2.45 5.95
CA VAL A 74 1.75 -3.35 4.93
C VAL A 74 3.21 -3.69 5.24
N GLN A 75 3.51 -4.97 5.39
CA GLN A 75 4.90 -5.40 5.60
C GLN A 75 5.82 -4.75 4.56
N ALA A 76 6.92 -4.16 5.04
CA ALA A 76 7.88 -3.45 4.20
C ALA A 76 9.00 -4.40 3.84
N SER A 77 9.56 -4.25 2.64
CA SER A 77 10.59 -5.18 2.16
C SER A 77 11.86 -5.15 3.00
N CYS A 78 12.09 -4.06 3.74
CA CYS A 78 13.26 -4.01 4.64
C CYS A 78 13.16 -5.02 5.77
N HIS A 79 11.97 -5.58 5.98
CA HIS A 79 11.80 -6.62 7.00
C HIS A 79 11.62 -8.03 6.40
N GLY A 80 11.72 -8.14 5.09
CA GLY A 80 11.64 -9.46 4.45
C GLY A 80 10.39 -10.24 4.79
N THR A 81 10.57 -11.49 5.22
CA THR A 81 9.46 -12.36 5.55
C THR A 81 9.21 -12.43 7.06
N ASP A 82 9.89 -11.59 7.82
CA ASP A 82 9.68 -11.49 9.26
C ASP A 82 8.69 -10.36 9.52
N ASN A 83 7.43 -10.75 9.74
CA ASN A 83 6.35 -9.78 9.90
C ASN A 83 6.17 -9.26 11.32
N ALA A 84 7.14 -9.54 12.19
CA ALA A 84 7.02 -9.18 13.62
C ALA A 84 6.74 -7.70 13.89
N ALA A 85 7.46 -6.79 13.24
CA ALA A 85 7.25 -5.37 13.51
C ALA A 85 5.85 -4.96 13.10
N THR A 86 5.42 -5.37 11.91
CA THR A 86 4.07 -5.10 11.44
C THR A 86 3.03 -5.67 12.40
N LEU A 87 3.24 -6.91 12.86
CA LEU A 87 2.28 -7.56 13.77
C LEU A 87 2.15 -6.80 15.08
N ASP A 88 3.27 -6.34 15.61
CA ASP A 88 3.23 -5.56 16.84
C ASP A 88 2.49 -4.25 16.63
N ALA A 89 2.70 -3.62 15.48
CA ALA A 89 2.00 -2.37 15.18
C ALA A 89 0.49 -2.60 15.12
N ILE A 90 0.07 -3.69 14.48
CA ILE A 90 -1.34 -4.02 14.41
C ILE A 90 -1.91 -4.23 15.82
N ALA A 91 -1.17 -4.96 16.65
CA ALA A 91 -1.63 -5.21 18.03
C ALA A 91 -1.80 -3.89 18.79
N ARG A 92 -0.81 -3.01 18.64
CA ARG A 92 -0.81 -1.73 19.34
CA ARG A 92 -0.81 -1.73 19.34
C ARG A 92 -1.90 -0.77 18.86
N ALA A 93 -2.48 -1.07 17.69
CA ALA A 93 -3.55 -0.23 17.14
C ALA A 93 -4.89 -0.47 17.82
N GLN A 94 -4.94 -1.46 18.67
CA GLN A 94 -6.12 -1.75 19.45
C GLN A 94 -7.41 -1.79 18.60
N GLY A 95 -7.35 -2.55 17.53
CA GLY A 95 -8.52 -2.77 16.69
C GLY A 95 -8.62 -1.83 15.50
N LYS A 96 -7.75 -0.82 15.46
CA LYS A 96 -7.82 0.18 14.37
C LYS A 96 -6.89 -0.12 13.20
N ALA A 97 -6.34 -1.32 13.17
CA ALA A 97 -5.49 -1.72 12.03
C ALA A 97 -5.68 -3.17 11.59
N ARG A 98 -5.47 -3.39 10.30
CA ARG A 98 -5.31 -4.72 9.72
C ARG A 98 -3.99 -4.69 8.95
N GLY A 99 -3.59 -5.80 8.37
CA GLY A 99 -2.26 -5.86 7.78
C GLY A 99 -2.16 -6.66 6.51
N ILE A 100 -1.02 -6.48 5.85
CA ILE A 100 -0.58 -7.30 4.73
C ILE A 100 0.79 -7.86 5.07
N ALA A 101 0.98 -9.16 4.83
CA ALA A 101 2.22 -9.84 5.17
C ALA A 101 3.08 -10.10 3.93
N VAL A 102 4.38 -10.35 4.14
CA VAL A 102 5.21 -10.98 3.11
C VAL A 102 5.65 -12.31 3.69
N VAL A 103 5.42 -13.38 2.94
CA VAL A 103 5.68 -14.71 3.44
C VAL A 103 6.64 -15.50 2.55
N ASP A 104 7.29 -16.49 3.15
CA ASP A 104 8.01 -17.51 2.42
CA ASP A 104 8.01 -17.45 2.35
C ASP A 104 6.93 -18.28 1.65
N PRO A 105 7.11 -18.49 0.33
CA PRO A 105 6.05 -19.24 -0.36
C PRO A 105 5.77 -20.65 0.19
N ALA A 106 6.68 -21.17 1.02
CA ALA A 106 6.51 -22.49 1.63
C ALA A 106 5.84 -22.45 3.01
N ILE A 107 5.36 -21.27 3.40
CA ILE A 107 4.73 -21.09 4.71
C ILE A 107 3.60 -22.10 4.93
N ASP A 108 3.57 -22.68 6.13
CA ASP A 108 2.56 -23.68 6.43
C ASP A 108 1.22 -23.02 6.80
N GLU A 109 0.14 -23.77 6.68
CA GLU A 109 -1.21 -23.26 6.93
C GLU A 109 -1.40 -22.82 8.39
N ALA A 110 -0.76 -23.50 9.32
CA ALA A 110 -0.81 -23.09 10.73
C ALA A 110 -0.20 -21.69 10.94
N GLU A 111 0.92 -21.41 10.27
CA GLU A 111 1.53 -20.08 10.35
C GLU A 111 0.63 -19.04 9.69
N LEU A 112 0.02 -19.40 8.56
CA LEU A 112 -0.91 -18.48 7.90
C LEU A 112 -2.11 -18.15 8.80
N ALA A 113 -2.67 -19.17 9.47
CA ALA A 113 -3.77 -18.95 10.40
C ALA A 113 -3.37 -18.03 11.56
N ALA A 114 -2.14 -18.20 12.05
CA ALA A 114 -1.64 -17.33 13.10
C ALA A 114 -1.50 -15.87 12.61
N LEU A 115 -1.03 -15.69 11.38
CA LEU A 115 -0.99 -14.34 10.78
C LEU A 115 -2.39 -13.75 10.68
N HIS A 116 -3.38 -14.55 10.34
CA HIS A 116 -4.73 -14.10 10.32
C HIS A 116 -5.22 -13.64 11.68
N GLU A 117 -4.91 -14.45 12.68
CA GLU A 117 -5.29 -14.10 14.05
C GLU A 117 -4.64 -12.79 14.48
N GLY A 118 -3.43 -12.54 13.97
CA GLY A 118 -2.71 -11.31 14.24
C GLY A 118 -3.10 -10.12 13.37
N GLY A 119 -4.15 -10.28 12.56
CA GLY A 119 -4.73 -9.17 11.80
C GLY A 119 -4.33 -9.06 10.34
N MET A 120 -3.57 -10.03 9.83
CA MET A 120 -3.23 -10.05 8.40
C MET A 120 -4.41 -10.51 7.55
N ARG A 121 -4.60 -9.88 6.39
CA ARG A 121 -5.70 -10.24 5.49
C ARG A 121 -5.23 -10.44 4.06
N GLY A 122 -3.93 -10.57 3.88
CA GLY A 122 -3.38 -10.86 2.56
C GLY A 122 -1.87 -10.88 2.58
N ILE A 123 -1.29 -11.18 1.43
CA ILE A 123 0.16 -11.22 1.27
C ILE A 123 0.57 -10.35 0.09
N ARG A 124 1.82 -9.92 0.08
CA ARG A 124 2.31 -9.01 -0.95
C ARG A 124 3.39 -9.65 -1.81
N PHE A 125 3.27 -9.45 -3.11
CA PHE A 125 4.26 -9.88 -4.10
C PHE A 125 4.91 -8.66 -4.73
N ASN A 126 6.21 -8.54 -4.54
CA ASN A 126 6.95 -7.35 -4.95
C ASN A 126 7.86 -7.66 -6.12
N PHE A 127 7.51 -7.11 -7.29
CA PHE A 127 8.23 -7.35 -8.55
C PHE A 127 9.23 -6.26 -8.91
N LEU A 128 9.54 -5.37 -7.97
CA LEU A 128 10.59 -4.37 -8.20
C LEU A 128 11.94 -4.90 -7.78
N LYS A 129 12.80 -5.14 -8.75
CA LYS A 129 14.13 -5.64 -8.46
C LYS A 129 14.98 -4.78 -7.61
N ARG A 130 14.71 -3.48 -7.61
CA ARG A 130 15.44 -2.57 -6.74
C ARG A 130 15.08 -2.78 -5.26
N LEU A 131 14.03 -3.56 -5.03
CA LEU A 131 13.55 -3.87 -3.67
C LEU A 131 13.80 -5.30 -3.24
N VAL A 132 13.58 -6.23 -4.17
CA VAL A 132 13.65 -7.66 -3.89
C VAL A 132 14.23 -8.34 -5.12
N ASP A 133 15.30 -9.12 -4.91
CA ASP A 133 16.00 -9.82 -5.99
C ASP A 133 15.12 -10.85 -6.68
N ASP A 134 14.42 -11.66 -5.90
CA ASP A 134 13.70 -12.81 -6.45
C ASP A 134 12.18 -12.68 -6.36
N ALA A 135 11.51 -13.03 -7.45
CA ALA A 135 10.06 -13.04 -7.50
C ALA A 135 9.60 -14.27 -8.28
N PRO A 136 9.68 -15.46 -7.65
CA PRO A 136 9.33 -16.72 -8.31
C PRO A 136 7.83 -16.83 -8.53
N LYS A 137 7.39 -16.53 -9.76
CA LYS A 137 5.96 -16.54 -10.11
C LYS A 137 5.30 -17.89 -9.84
N ASP A 138 6.01 -18.99 -10.10
CA ASP A 138 5.45 -20.31 -9.85
C ASP A 138 5.13 -20.54 -8.37
N LYS A 139 6.08 -20.22 -7.51
CA LYS A 139 5.91 -20.38 -6.07
C LYS A 139 4.90 -19.37 -5.52
N PHE A 140 4.88 -18.17 -6.08
CA PHE A 140 3.88 -17.17 -5.70
C PHE A 140 2.47 -17.67 -6.01
N LEU A 141 2.28 -18.24 -7.20
CA LEU A 141 0.98 -18.77 -7.58
C LEU A 141 0.54 -19.89 -6.64
N GLU A 142 1.49 -20.76 -6.27
CA GLU A 142 1.22 -21.83 -5.31
C GLU A 142 0.71 -21.30 -3.97
N VAL A 143 1.48 -20.39 -3.35
CA VAL A 143 1.12 -19.91 -2.01
C VAL A 143 -0.18 -19.09 -2.06
N ALA A 144 -0.41 -18.38 -3.17
CA ALA A 144 -1.64 -17.60 -3.34
C ALA A 144 -2.89 -18.47 -3.28
N GLY A 145 -2.73 -19.76 -3.58
CA GLY A 145 -3.84 -20.71 -3.48
C GLY A 145 -3.95 -21.43 -2.15
N ARG A 146 -3.10 -21.07 -1.19
CA ARG A 146 -3.09 -21.73 0.12
C ARG A 146 -3.42 -20.76 1.26
N LEU A 147 -3.97 -19.61 0.92
CA LEU A 147 -4.20 -18.56 1.91
C LEU A 147 -5.48 -18.80 2.72
N PRO A 148 -5.54 -18.26 3.95
CA PRO A 148 -6.78 -18.32 4.73
C PRO A 148 -7.98 -17.73 3.98
N ALA A 149 -9.17 -18.20 4.34
CA ALA A 149 -10.41 -17.76 3.68
C ALA A 149 -10.55 -16.24 3.72
N GLY A 150 -10.93 -15.68 2.59
CA GLY A 150 -11.20 -14.25 2.51
C GLY A 150 -10.00 -13.34 2.37
N TRP A 151 -8.81 -13.91 2.21
CA TRP A 151 -7.60 -13.12 1.94
C TRP A 151 -7.47 -12.74 0.47
N HIS A 152 -6.64 -11.73 0.24
CA HIS A 152 -6.30 -11.29 -1.11
C HIS A 152 -4.79 -11.19 -1.27
N VAL A 153 -4.32 -10.93 -2.49
CA VAL A 153 -2.91 -10.67 -2.72
C VAL A 153 -2.76 -9.22 -3.14
N VAL A 154 -1.64 -8.63 -2.72
CA VAL A 154 -1.27 -7.27 -3.07
C VAL A 154 -0.06 -7.40 -4.00
N ILE A 155 -0.12 -6.74 -5.15
CA ILE A 155 0.93 -6.90 -6.16
C ILE A 155 1.51 -5.54 -6.50
N TYR A 156 2.83 -5.45 -6.48
CA TYR A 156 3.56 -4.24 -6.80
C TYR A 156 4.47 -4.48 -8.00
N PHE A 157 4.26 -3.70 -9.06
CA PHE A 157 5.08 -3.81 -10.27
C PHE A 157 5.20 -2.46 -10.95
N GLU A 158 6.18 -2.37 -11.85
CA GLU A 158 6.34 -1.21 -12.72
C GLU A 158 5.59 -1.42 -14.03
N ALA A 159 5.24 -0.31 -14.70
CA ALA A 159 4.36 -0.37 -15.85
C ALA A 159 4.96 -1.18 -17.01
N ASP A 160 6.29 -1.17 -17.09
CA ASP A 160 6.96 -1.82 -18.22
C ASP A 160 6.94 -3.35 -18.16
N ILE A 161 6.50 -3.91 -17.04
CA ILE A 161 6.30 -5.36 -16.96
C ILE A 161 4.83 -5.81 -16.85
N LEU A 162 3.88 -4.87 -16.90
CA LEU A 162 2.45 -5.22 -16.84
C LEU A 162 2.07 -6.28 -17.86
N GLU A 163 2.52 -6.10 -19.11
CA GLU A 163 2.23 -7.07 -20.15
C GLU A 163 2.73 -8.46 -19.77
N GLU A 164 3.98 -8.52 -19.31
CA GLU A 164 4.60 -9.80 -18.96
C GLU A 164 3.89 -10.50 -17.80
N LEU A 165 3.23 -9.70 -16.94
CA LEU A 165 2.55 -10.22 -15.74
C LEU A 165 1.09 -10.59 -15.92
N ARG A 166 0.51 -10.27 -17.06
CA ARG A 166 -0.90 -10.56 -17.30
C ARG A 166 -1.22 -12.05 -17.10
N PRO A 167 -0.38 -12.97 -17.63
CA PRO A 167 -0.69 -14.39 -17.39
C PRO A 167 -0.68 -14.77 -15.90
N PHE A 168 0.34 -14.32 -15.17
CA PHE A 168 0.45 -14.54 -13.73
C PHE A 168 -0.77 -14.02 -12.97
N MET A 169 -1.18 -12.79 -13.24
CA MET A 169 -2.29 -12.19 -12.50
C MET A 169 -3.62 -12.83 -12.83
N ASP A 170 -3.76 -13.30 -14.07
CA ASP A 170 -4.97 -13.99 -14.47
C ASP A 170 -5.15 -15.32 -13.72
N ALA A 171 -4.02 -15.94 -13.36
CA ALA A 171 -4.00 -17.25 -12.71
C ALA A 171 -4.17 -17.17 -11.19
N ILE A 172 -3.96 -15.99 -10.60
CA ILE A 172 -4.09 -15.84 -9.15
C ILE A 172 -5.51 -16.17 -8.70
N PRO A 173 -5.65 -17.15 -7.78
CA PRO A 173 -6.99 -17.66 -7.45
C PRO A 173 -7.79 -16.85 -6.42
N VAL A 174 -7.26 -15.71 -5.96
CA VAL A 174 -7.95 -14.85 -5.01
C VAL A 174 -7.99 -13.42 -5.56
N PRO A 175 -8.74 -12.50 -4.92
CA PRO A 175 -8.72 -11.13 -5.40
C PRO A 175 -7.34 -10.48 -5.30
N ILE A 176 -7.18 -9.43 -6.09
CA ILE A 176 -5.91 -8.75 -6.25
C ILE A 176 -6.06 -7.26 -5.95
N VAL A 177 -5.10 -6.71 -5.22
CA VAL A 177 -4.99 -5.26 -5.03
C VAL A 177 -3.67 -4.79 -5.66
N ILE A 178 -3.76 -3.82 -6.56
CA ILE A 178 -2.59 -3.29 -7.24
C ILE A 178 -2.04 -2.03 -6.54
N ASP A 179 -0.78 -2.09 -6.12
CA ASP A 179 -0.13 -0.92 -5.49
C ASP A 179 0.18 0.18 -6.49
N HIS A 180 -0.25 1.40 -6.17
CA HIS A 180 0.10 2.61 -6.94
C HIS A 180 -0.22 2.48 -8.42
N MET A 181 -1.30 1.74 -8.71
CA MET A 181 -1.79 1.54 -10.09
C MET A 181 -0.76 0.89 -11.02
N GLY A 182 0.25 0.22 -10.45
CA GLY A 182 1.33 -0.32 -11.27
C GLY A 182 2.23 0.76 -11.85
N ARG A 183 2.31 1.88 -11.15
CA ARG A 183 3.25 2.97 -11.45
C ARG A 183 3.13 3.56 -12.87
N PRO A 184 1.91 3.94 -13.30
CA PRO A 184 1.75 4.54 -14.61
C PRO A 184 2.45 5.90 -14.70
N ASP A 185 2.93 6.24 -15.89
CA ASP A 185 3.53 7.54 -16.13
C ASP A 185 2.39 8.57 -16.28
N VAL A 186 2.07 9.22 -15.17
CA VAL A 186 0.94 10.16 -15.13
C VAL A 186 1.18 11.42 -15.96
N ARG A 187 2.41 11.64 -16.42
CA ARG A 187 2.66 12.72 -17.37
C ARG A 187 1.87 12.55 -18.66
N GLN A 188 1.51 11.30 -18.99
CA GLN A 188 0.88 11.02 -20.28
C GLN A 188 -0.58 11.45 -20.35
N GLY A 189 -1.21 11.68 -19.20
CA GLY A 189 -2.64 11.99 -19.16
C GLY A 189 -3.50 10.80 -18.82
N PRO A 190 -4.80 11.03 -18.56
CA PRO A 190 -5.67 9.96 -18.11
C PRO A 190 -5.92 8.90 -19.19
N ASP A 191 -5.72 9.26 -20.45
CA ASP A 191 -5.92 8.33 -21.57
C ASP A 191 -4.59 7.97 -22.23
N GLY A 192 -3.49 8.20 -21.51
CA GLY A 192 -2.17 7.85 -22.01
C GLY A 192 -1.91 6.35 -22.06
N ALA A 193 -0.75 5.99 -22.60
CA ALA A 193 -0.43 4.58 -22.85
C ALA A 193 -0.53 3.73 -21.60
N ASP A 194 0.07 4.17 -20.51
CA ASP A 194 0.08 3.37 -19.28
C ASP A 194 -1.30 3.18 -18.68
N MET A 195 -2.11 4.24 -18.68
CA MET A 195 -3.47 4.13 -18.16
C MET A 195 -4.34 3.22 -19.03
N LYS A 196 -4.14 3.27 -20.35
CA LYS A 196 -4.88 2.37 -21.24
C LYS A 196 -4.52 0.92 -20.95
N ALA A 197 -3.23 0.64 -20.78
CA ALA A 197 -2.78 -0.72 -20.45
C ALA A 197 -3.31 -1.16 -19.09
N PHE A 198 -3.34 -0.24 -18.11
CA PHE A 198 -3.83 -0.57 -16.78
C PHE A 198 -5.34 -0.85 -16.82
N ARG A 199 -6.08 -0.06 -17.58
CA ARG A 199 -7.51 -0.29 -17.74
C ARG A 199 -7.79 -1.63 -18.43
N ARG A 200 -6.94 -2.07 -19.37
CA ARG A 200 -7.07 -3.43 -19.93
C ARG A 200 -6.98 -4.48 -18.81
N LEU A 201 -6.04 -4.30 -17.87
CA LEU A 201 -5.92 -5.22 -16.74
C LEU A 201 -7.20 -5.21 -15.89
N LEU A 202 -7.67 -4.02 -15.54
CA LEU A 202 -8.88 -3.90 -14.70
C LEU A 202 -10.10 -4.50 -15.38
N ASP A 203 -10.17 -4.36 -16.70
CA ASP A 203 -11.28 -4.89 -17.48
C ASP A 203 -11.23 -6.42 -17.65
N SER A 204 -10.09 -7.05 -17.34
CA SER A 204 -9.96 -8.51 -17.50
C SER A 204 -10.59 -9.32 -16.35
N ARG A 205 -10.59 -8.74 -15.15
CA ARG A 205 -11.13 -9.40 -13.96
C ARG A 205 -11.84 -8.36 -13.11
N GLU A 206 -13.04 -8.68 -12.63
CA GLU A 206 -13.80 -7.79 -11.80
C GLU A 206 -13.21 -7.62 -10.38
N ASP A 207 -12.43 -8.59 -9.93
CA ASP A 207 -11.92 -8.58 -8.56
C ASP A 207 -10.47 -8.09 -8.47
N ILE A 208 -10.06 -7.26 -9.42
CA ILE A 208 -8.81 -6.51 -9.31
C ILE A 208 -9.11 -5.10 -8.82
N TRP A 209 -8.59 -4.79 -7.63
CA TRP A 209 -8.74 -3.49 -7.00
C TRP A 209 -7.44 -2.74 -7.16
N PHE A 210 -7.45 -1.42 -6.90
CA PHE A 210 -6.21 -0.68 -6.98
C PHE A 210 -6.14 0.44 -5.95
N LYS A 211 -4.91 0.77 -5.59
CA LYS A 211 -4.61 1.94 -4.76
C LYS A 211 -4.32 3.13 -5.67
N ALA A 212 -5.09 4.20 -5.48
CA ALA A 212 -4.92 5.45 -6.26
C ALA A 212 -3.94 6.38 -5.57
N THR A 213 -2.69 5.92 -5.52
CA THR A 213 -1.72 6.41 -4.56
C THR A 213 -0.38 6.86 -5.13
N CYS A 214 0.28 7.69 -4.33
CA CYS A 214 1.70 8.04 -4.48
C CYS A 214 2.02 9.01 -5.61
N PRO A 215 1.40 10.20 -5.59
CA PRO A 215 1.81 11.25 -6.52
C PRO A 215 3.29 11.59 -6.35
N ASP A 216 3.81 11.47 -5.13
CA ASP A 216 5.22 11.71 -4.89
C ASP A 216 6.09 10.78 -5.71
N ARG A 217 5.68 9.53 -5.83
CA ARG A 217 6.49 8.54 -6.57
C ARG A 217 6.32 8.68 -8.07
N LEU A 218 5.11 9.05 -8.50
CA LEU A 218 4.76 8.96 -9.92
C LEU A 218 4.82 10.24 -10.72
N ASP A 219 4.81 11.38 -10.04
CA ASP A 219 4.69 12.66 -10.73
C ASP A 219 5.94 13.46 -10.41
N PRO A 220 6.90 13.47 -11.36
CA PRO A 220 8.23 14.03 -11.04
C PRO A 220 8.24 15.56 -10.99
N ALA A 221 7.15 16.21 -11.32
CA ALA A 221 7.10 17.67 -11.23
C ALA A 221 7.05 18.16 -9.78
N GLY A 222 6.67 17.28 -8.88
CA GLY A 222 6.48 17.66 -7.48
C GLY A 222 5.14 18.32 -7.25
N PRO A 223 4.84 18.65 -5.98
CA PRO A 223 3.54 19.24 -5.64
C PRO A 223 3.33 20.51 -6.47
N PRO A 224 2.08 20.77 -6.90
CA PRO A 224 0.82 20.10 -6.53
C PRO A 224 0.52 18.81 -7.28
N TRP A 225 1.48 18.29 -8.05
CA TRP A 225 1.29 16.99 -8.73
C TRP A 225 0.05 17.01 -9.64
N ASP A 226 -0.03 18.03 -10.47
CA ASP A 226 -1.15 18.19 -11.38
C ASP A 226 -1.30 17.04 -12.37
N ASP A 227 -0.18 16.45 -12.81
CA ASP A 227 -0.27 15.33 -13.75
C ASP A 227 -0.89 14.11 -13.07
N PHE A 228 -0.52 13.84 -11.83
CA PHE A 228 -1.17 12.77 -11.09
C PHE A 228 -2.66 13.05 -10.96
N ALA A 229 -3.02 14.25 -10.50
CA ALA A 229 -4.44 14.56 -10.31
C ALA A 229 -5.25 14.34 -11.58
N ARG A 230 -4.75 14.85 -12.69
CA ARG A 230 -5.53 14.82 -13.93
C ARG A 230 -5.56 13.41 -14.54
N SER A 231 -4.53 12.62 -14.32
CA SER A 231 -4.51 11.28 -14.90
C SER A 231 -5.27 10.26 -14.06
N VAL A 232 -5.28 10.49 -12.75
CA VAL A 232 -5.87 9.54 -11.82
C VAL A 232 -7.36 9.78 -11.52
N ALA A 233 -7.81 11.05 -11.52
CA ALA A 233 -9.21 11.31 -11.21
C ALA A 233 -10.18 10.50 -12.10
N PRO A 234 -9.92 10.44 -13.43
CA PRO A 234 -10.87 9.67 -14.23
C PRO A 234 -10.85 8.16 -13.94
N LEU A 235 -9.70 7.65 -13.53
CA LEU A 235 -9.60 6.24 -13.16
C LEU A 235 -10.42 5.94 -11.90
N VAL A 236 -10.34 6.84 -10.92
CA VAL A 236 -11.14 6.72 -9.68
C VAL A 236 -12.63 6.74 -10.02
N ALA A 237 -13.03 7.68 -10.87
CA ALA A 237 -14.43 7.85 -11.23
C ALA A 237 -14.97 6.63 -11.99
N ASP A 238 -14.13 6.03 -12.83
CA ASP A 238 -14.56 4.93 -13.71
C ASP A 238 -14.54 3.56 -13.01
N TYR A 239 -13.81 3.46 -11.90
CA TYR A 239 -13.72 2.20 -11.15
C TYR A 239 -13.97 2.45 -9.68
N ALA A 240 -15.06 3.17 -9.40
CA ALA A 240 -15.35 3.69 -8.08
C ALA A 240 -15.53 2.63 -6.99
N ASP A 241 -15.88 1.41 -7.39
CA ASP A 241 -16.10 0.34 -6.40
C ASP A 241 -14.89 -0.56 -6.20
N ARG A 242 -13.77 -0.19 -6.82
CA ARG A 242 -12.57 -1.03 -6.83
C ARG A 242 -11.32 -0.27 -6.42
N VAL A 243 -11.52 0.92 -5.83
CA VAL A 243 -10.41 1.82 -5.53
C VAL A 243 -10.28 2.08 -4.02
N ILE A 244 -9.03 2.04 -3.54
CA ILE A 244 -8.70 2.37 -2.16
C ILE A 244 -7.53 3.34 -2.16
N TRP A 245 -7.11 3.81 -0.99
CA TRP A 245 -6.15 4.90 -0.90
C TRP A 245 -5.28 4.72 0.33
N GLY A 246 -4.07 5.26 0.29
CA GLY A 246 -3.18 5.30 1.44
C GLY A 246 -2.16 6.40 1.29
N THR A 247 -1.50 6.71 2.40
CA THR A 247 -0.48 7.75 2.43
C THR A 247 0.86 7.26 1.89
N ALA A 248 1.10 5.96 2.03
CA ALA A 248 2.44 5.34 1.86
C ALA A 248 3.49 5.78 2.89
N TRP A 249 3.07 6.45 3.96
CA TRP A 249 3.98 6.83 5.04
C TRP A 249 4.55 5.53 5.62
N PRO A 250 5.85 5.50 5.96
CA PRO A 250 6.83 6.62 6.03
C PRO A 250 7.67 6.80 4.76
N HIS A 251 7.11 6.42 3.62
CA HIS A 251 7.64 6.76 2.30
C HIS A 251 9.00 6.14 2.02
N PRO A 252 9.09 4.80 2.15
CA PRO A 252 10.39 4.15 1.88
C PRO A 252 10.96 4.58 0.52
N ASN A 253 12.27 4.85 0.54
CA ASN A 253 13.03 5.19 -0.69
C ASN A 253 12.69 6.56 -1.30
N MET A 254 11.96 7.39 -0.55
CA MET A 254 11.63 8.73 -1.04
C MET A 254 12.51 9.84 -0.47
N GLN A 255 13.68 9.47 0.07
CA GLN A 255 14.57 10.46 0.66
C GLN A 255 15.01 11.55 -0.31
N ASP A 256 14.99 11.29 -1.62
CA ASP A 256 15.38 12.32 -2.57
C ASP A 256 14.28 13.29 -2.91
N ALA A 257 13.04 12.99 -2.52
CA ALA A 257 11.90 13.90 -2.74
C ALA A 257 10.89 13.65 -1.64
N ILE A 258 11.24 14.08 -0.43
CA ILE A 258 10.45 13.73 0.73
C ILE A 258 9.09 14.45 0.69
N PRO A 259 7.98 13.70 0.68
CA PRO A 259 6.68 14.36 0.54
C PRO A 259 6.15 14.90 1.87
N ASP A 260 5.43 16.01 1.79
CA ASP A 260 4.73 16.57 2.95
C ASP A 260 3.38 15.87 3.05
N ASP A 261 3.16 15.10 4.12
CA ASP A 261 1.92 14.32 4.22
C ASP A 261 0.63 15.14 4.13
N GLY A 262 0.68 16.40 4.54
CA GLY A 262 -0.49 17.27 4.36
C GLY A 262 -0.87 17.38 2.90
N LEU A 263 0.13 17.54 2.04
CA LEU A 263 -0.10 17.66 0.61
C LEU A 263 -0.52 16.33 -0.01
N VAL A 264 0.05 15.24 0.49
CA VAL A 264 -0.34 13.90 0.07
C VAL A 264 -1.85 13.67 0.29
N VAL A 265 -2.33 14.04 1.48
CA VAL A 265 -3.74 13.90 1.80
C VAL A 265 -4.61 14.86 0.97
N ASP A 266 -4.09 16.07 0.71
CA ASP A 266 -4.83 17.05 -0.07
C ASP A 266 -5.06 16.62 -1.53
N MET A 267 -4.37 15.57 -1.97
CA MET A 267 -4.66 15.02 -3.29
C MET A 267 -6.04 14.33 -3.33
N ILE A 268 -6.51 13.84 -2.18
CA ILE A 268 -7.75 13.07 -2.13
C ILE A 268 -8.94 13.78 -2.81
N PRO A 269 -9.27 15.02 -2.40
CA PRO A 269 -10.45 15.66 -3.04
C PRO A 269 -10.21 16.05 -4.50
N ARG A 270 -8.96 15.99 -4.97
CA ARG A 270 -8.68 16.21 -6.39
C ARG A 270 -8.98 14.94 -7.19
N ILE A 271 -8.59 13.78 -6.68
CA ILE A 271 -8.86 12.53 -7.41
C ILE A 271 -10.25 11.95 -7.11
N ALA A 272 -10.83 12.38 -6.00
CA ALA A 272 -12.16 11.94 -5.59
C ALA A 272 -12.97 13.18 -5.17
N PRO A 273 -13.49 13.93 -6.17
CA PRO A 273 -14.02 15.26 -5.86
C PRO A 273 -15.37 15.27 -5.14
N THR A 274 -16.12 14.17 -5.22
CA THR A 274 -17.48 14.13 -4.69
C THR A 274 -17.54 13.40 -3.35
N PRO A 275 -18.57 13.66 -2.53
CA PRO A 275 -18.74 12.88 -1.29
C PRO A 275 -18.86 11.39 -1.57
N GLU A 276 -19.51 11.03 -2.68
CA GLU A 276 -19.70 9.63 -3.05
C GLU A 276 -18.36 8.92 -3.25
N LEU A 277 -17.48 9.53 -4.02
CA LEU A 277 -16.18 8.92 -4.31
C LEU A 277 -15.29 8.89 -3.08
N GLN A 278 -15.36 9.93 -2.26
CA GLN A 278 -14.56 9.95 -1.03
C GLN A 278 -15.01 8.86 -0.06
N HIS A 279 -16.32 8.70 0.08
CA HIS A 279 -16.85 7.66 0.95
C HIS A 279 -16.47 6.25 0.49
N LYS A 280 -16.58 6.00 -0.81
CA LYS A 280 -16.20 4.70 -1.36
C LYS A 280 -14.70 4.43 -1.17
N MET A 281 -13.88 5.38 -1.60
CA MET A 281 -12.44 5.18 -1.62
C MET A 281 -11.83 5.08 -0.24
N LEU A 282 -12.37 5.86 0.70
CA LEU A 282 -11.79 5.95 2.03
C LEU A 282 -12.48 5.10 3.08
N VAL A 283 -13.73 4.71 2.84
CA VAL A 283 -14.49 3.98 3.85
C VAL A 283 -15.02 2.65 3.31
N THR A 284 -16.00 2.68 2.42
CA THR A 284 -16.69 1.46 1.97
C THR A 284 -15.77 0.41 1.35
N ASN A 285 -14.95 0.82 0.38
CA ASN A 285 -14.11 -0.13 -0.33
C ASN A 285 -13.04 -0.77 0.56
N PRO A 286 -12.25 0.04 1.31
CA PRO A 286 -11.26 -0.62 2.18
C PRO A 286 -11.90 -1.44 3.32
N MET A 287 -13.07 -1.04 3.81
CA MET A 287 -13.80 -1.88 4.77
C MET A 287 -14.15 -3.24 4.16
N ARG A 288 -14.60 -3.25 2.91
CA ARG A 288 -14.96 -4.53 2.26
C ARG A 288 -13.78 -5.48 2.16
N LEU A 289 -12.59 -4.93 1.86
CA LEU A 289 -11.37 -5.73 1.72
C LEU A 289 -10.78 -6.16 3.06
N TYR A 290 -10.77 -5.25 4.04
CA TYR A 290 -9.99 -5.45 5.27
C TYR A 290 -10.79 -5.73 6.53
N TRP A 291 -12.06 -5.33 6.55
CA TRP A 291 -12.95 -5.53 7.69
C TRP A 291 -14.30 -6.07 7.20
N SER A 292 -14.24 -7.11 6.36
CA SER A 292 -15.42 -7.68 5.72
C SER A 292 -16.48 -8.12 6.72
N GLU A 293 -16.03 -8.53 7.91
CA GLU A 293 -16.93 -8.99 8.97
C GLU A 293 -17.79 -7.84 9.54
N GLU A 294 -17.37 -6.61 9.30
CA GLU A 294 -18.14 -5.43 9.71
C GLU A 294 -19.08 -4.96 8.58
N MET A 295 -19.03 -5.64 7.44
CA MET A 295 -19.78 -5.24 6.25
C MET A 295 -20.80 -6.30 5.82
#